data_8H1G
#
_entry.id   8H1G
#
_cell.length_a   35.582
_cell.length_b   35.582
_cell.length_c   167.825
_cell.angle_alpha   90.000
_cell.angle_beta   90.000
_cell.angle_gamma   90.000
#
_symmetry.space_group_name_H-M   'P 43 21 2'
#
loop_
_entity.id
_entity.type
_entity.pdbx_description
1 polymer 'DNA mismatch repair protein MutL'
2 non-polymer DI(HYDROXYETHYL)ETHER
3 non-polymer 'SODIUM ION'
4 non-polymer 'CADMIUM ION'
5 water water
#
_entity_poly.entity_id   1
_entity_poly.type   'polypeptide(L)'
_entity_poly.pdbx_seq_one_letter_code
;MKPTYEILGQMDETFILVKDSEYLYFVDQHLLEERINYEKLKDENLACRISVKAGQKLSEEKIRELIKTWRNLENPHVCP
HGTPIYYKIPLREIYEKVGRNY
;
_entity_poly.pdbx_strand_id   A
#
loop_
_chem_comp.id
_chem_comp.type
_chem_comp.name
_chem_comp.formula
CD non-polymer 'CADMIUM ION' 'Cd 2'
NA non-polymer 'SODIUM ION' 'Na 1'
PEG non-polymer DI(HYDROXYETHYL)ETHER 'C4 H10 O3'
#
# COMPACT_ATOMS: atom_id res chain seq x y z
N MET A 1 -0.40 -10.15 -0.48
CA MET A 1 -1.81 -10.00 -0.11
C MET A 1 -2.64 -10.87 -1.02
N LYS A 2 -3.65 -11.51 -0.44
CA LYS A 2 -4.52 -12.43 -1.18
C LYS A 2 -5.31 -11.68 -2.25
N PRO A 3 -5.80 -12.41 -3.27
CA PRO A 3 -6.55 -11.74 -4.36
C PRO A 3 -7.89 -11.18 -3.93
N THR A 4 -8.51 -11.71 -2.90
CA THR A 4 -9.73 -11.14 -2.35
C THR A 4 -9.32 -10.20 -1.24
N TYR A 5 -9.68 -8.93 -1.39
CA TYR A 5 -9.28 -7.94 -0.43
C TYR A 5 -10.35 -6.87 -0.38
N GLU A 6 -10.31 -6.04 0.68
CA GLU A 6 -11.25 -4.95 0.87
C GLU A 6 -10.44 -3.69 1.12
N ILE A 7 -10.62 -2.69 0.26
CA ILE A 7 -10.01 -1.38 0.45
C ILE A 7 -10.88 -0.60 1.43
N LEU A 8 -10.26 -0.12 2.51
CA LEU A 8 -11.02 0.61 3.53
C LEU A 8 -10.97 2.12 3.33
N GLY A 9 -9.93 2.65 2.68
CA GLY A 9 -9.90 4.05 2.30
C GLY A 9 -8.52 4.63 2.56
N GLN A 10 -8.41 5.93 2.42
CA GLN A 10 -7.19 6.66 2.76
C GLN A 10 -7.17 7.08 4.23
N MET A 11 -5.97 7.19 4.80
CA MET A 11 -5.80 7.74 6.14
C MET A 11 -4.75 8.84 6.09
N ASP A 12 -5.09 10.01 6.64
CA ASP A 12 -4.15 11.14 6.70
C ASP A 12 -3.62 11.54 5.32
N GLU A 13 -4.37 11.21 4.26
CA GLU A 13 -3.95 11.49 2.90
C GLU A 13 -2.52 10.98 2.64
N THR A 14 -2.15 9.89 3.31
CA THR A 14 -0.80 9.32 3.25
C THR A 14 -0.79 7.81 3.06
N PHE A 15 -1.73 7.10 3.67
CA PHE A 15 -1.76 5.65 3.62
C PHE A 15 -3.07 5.19 3.00
N ILE A 16 -3.02 4.12 2.22
CA ILE A 16 -4.21 3.40 1.81
C ILE A 16 -4.38 2.21 2.74
N LEU A 17 -5.54 2.09 3.35
CA LEU A 17 -5.82 0.91 4.17
C LEU A 17 -6.51 -0.16 3.32
N VAL A 18 -5.94 -1.36 3.30
CA VAL A 18 -6.51 -2.47 2.56
C VAL A 18 -6.25 -3.74 3.34
N LYS A 19 -7.26 -4.62 3.41
CA LYS A 19 -7.11 -5.84 4.19
C LYS A 19 -7.48 -7.03 3.34
N ASP A 20 -6.87 -8.18 3.67
CA ASP A 20 -7.35 -9.47 3.20
C ASP A 20 -7.82 -10.21 4.46
N SER A 21 -7.89 -11.56 4.39
CA SER A 21 -8.33 -12.38 5.51
C SER A 21 -7.27 -12.53 6.58
N GLU A 22 -6.05 -12.01 6.37
CA GLU A 22 -4.97 -12.26 7.30
C GLU A 22 -4.41 -11.01 7.94
N TYR A 23 -4.24 -9.94 7.14
CA TYR A 23 -3.61 -8.69 7.59
C TYR A 23 -4.41 -7.48 7.17
N LEU A 24 -4.27 -6.41 7.95
CA LEU A 24 -4.66 -5.07 7.53
C LEU A 24 -3.37 -4.37 7.15
N TYR A 25 -3.32 -3.89 5.92
CA TYR A 25 -2.13 -3.21 5.41
C TYR A 25 -2.37 -1.71 5.35
N PHE A 26 -1.34 -0.95 5.70
CA PHE A 26 -1.32 0.51 5.58
C PHE A 26 -0.26 0.83 4.55
N VAL A 27 -0.66 1.19 3.35
CA VAL A 27 0.25 1.27 2.20
C VAL A 27 0.60 2.73 1.95
N ASP A 28 1.88 3.06 2.00
CA ASP A 28 2.30 4.44 1.79
C ASP A 28 2.07 4.79 0.32
N GLN A 29 1.23 5.78 0.04
CA GLN A 29 0.86 6.07 -1.35
C GLN A 29 2.07 6.52 -2.17
N HIS A 30 2.98 7.31 -1.58
CA HIS A 30 4.16 7.76 -2.29
C HIS A 30 5.11 6.60 -2.60
N LEU A 31 5.37 5.76 -1.60
CA LEU A 31 6.30 4.66 -1.81
C LEU A 31 5.75 3.67 -2.84
N LEU A 32 4.44 3.42 -2.81
CA LEU A 32 3.85 2.51 -3.79
C LEU A 32 3.94 3.07 -5.21
N GLU A 33 3.55 4.34 -5.41
CA GLU A 33 3.61 4.89 -6.76
C GLU A 33 5.06 4.95 -7.20
N GLU A 34 5.97 5.22 -6.27
CA GLU A 34 7.37 5.29 -6.65
C GLU A 34 7.88 3.92 -7.09
N ARG A 35 7.49 2.86 -6.40
CA ARG A 35 7.85 1.51 -6.85
C ARG A 35 7.24 1.18 -8.20
N ILE A 36 5.96 1.52 -8.40
CA ILE A 36 5.33 1.28 -9.70
C ILE A 36 6.11 1.98 -10.79
N ASN A 37 6.43 3.26 -10.57
CA ASN A 37 7.14 4.03 -11.60
C ASN A 37 8.56 3.53 -11.76
N TYR A 38 9.19 3.09 -10.67
CA TYR A 38 10.56 2.59 -10.79
C TYR A 38 10.61 1.28 -11.56
N GLU A 39 9.63 0.41 -11.40
CA GLU A 39 9.71 -0.85 -12.11
C GLU A 39 9.44 -0.64 -13.59
N LYS A 40 8.71 0.42 -13.92
CA LYS A 40 8.49 0.74 -15.32
C LYS A 40 9.71 1.45 -15.92
N LEU A 41 10.24 2.46 -15.22
CA LEU A 41 11.22 3.39 -15.75
C LEU A 41 12.65 3.01 -15.44
N LYS A 42 12.89 2.25 -14.37
CA LYS A 42 14.23 1.84 -13.96
C LYS A 42 15.13 3.04 -13.65
N ASP A 43 14.51 4.11 -13.16
CA ASP A 43 15.19 5.35 -12.79
C ASP A 43 14.61 5.80 -11.46
N GLU A 44 15.42 5.68 -10.42
CA GLU A 44 15.01 5.97 -9.05
C GLU A 44 14.60 7.44 -8.86
N ASN A 45 15.41 8.36 -9.38
CA ASN A 45 15.11 9.77 -9.19
C ASN A 45 13.87 10.19 -9.97
N LEU A 46 13.71 9.69 -11.21
CA LEU A 46 12.55 10.00 -12.02
C LEU A 46 11.29 9.43 -11.38
N ALA A 47 11.36 8.18 -10.92
CA ALA A 47 10.18 7.56 -10.35
C ALA A 47 9.73 8.33 -9.12
N CYS A 48 10.68 8.75 -8.28
CA CYS A 48 10.35 9.53 -7.09
C CYS A 48 9.67 10.84 -7.47
N ARG A 49 10.27 11.61 -8.37
CA ARG A 49 9.83 12.99 -8.58
C ARG A 49 8.47 13.07 -9.26
N ILE A 50 8.08 12.03 -10.01
CA ILE A 50 6.78 12.08 -10.68
C ILE A 50 5.65 11.46 -9.85
N SER A 51 5.98 10.84 -8.72
CA SER A 51 4.98 10.12 -7.95
C SER A 51 4.16 11.05 -7.07
N VAL A 52 2.96 10.56 -6.70
CA VAL A 52 2.17 11.30 -5.74
C VAL A 52 2.94 11.46 -4.43
N LYS A 53 2.67 12.55 -3.74
CA LYS A 53 3.26 12.79 -2.41
C LYS A 53 2.24 12.53 -1.33
N ALA A 54 2.76 12.30 -0.12
CA ALA A 54 1.90 12.33 1.05
C ALA A 54 1.22 13.69 1.13
N GLY A 55 -0.02 13.68 1.62
CA GLY A 55 -0.81 14.88 1.73
C GLY A 55 -1.66 15.18 0.54
N GLN A 56 -1.63 14.36 -0.50
CA GLN A 56 -2.58 14.50 -1.58
C GLN A 56 -3.77 13.55 -1.40
N LYS A 57 -4.98 14.10 -1.44
CA LYS A 57 -6.16 13.26 -1.46
C LYS A 57 -6.22 12.50 -2.78
N LEU A 58 -6.64 11.24 -2.72
CA LEU A 58 -6.70 10.41 -3.92
C LEU A 58 -8.14 9.96 -4.12
N SER A 59 -8.54 9.84 -5.38
CA SER A 59 -9.89 9.37 -5.66
C SER A 59 -10.00 7.88 -5.40
N GLU A 60 -11.25 7.43 -5.22
CA GLU A 60 -11.48 6.00 -5.06
C GLU A 60 -10.91 5.21 -6.24
N GLU A 61 -11.13 5.69 -7.46
CA GLU A 61 -10.58 5.03 -8.64
C GLU A 61 -9.05 4.97 -8.64
N LYS A 62 -8.39 6.08 -8.31
CA LYS A 62 -6.94 6.04 -8.28
C LYS A 62 -6.44 5.05 -7.23
N ILE A 63 -7.12 5.02 -6.08
CA ILE A 63 -6.77 4.07 -5.01
C ILE A 63 -6.93 2.62 -5.49
N ARG A 64 -8.03 2.32 -6.17
CA ARG A 64 -8.21 0.97 -6.73
C ARG A 64 -7.08 0.63 -7.71
N GLU A 65 -6.70 1.57 -8.57
CA GLU A 65 -5.63 1.28 -9.53
C GLU A 65 -4.34 0.96 -8.83
N LEU A 66 -3.99 1.77 -7.83
CA LEU A 66 -2.74 1.57 -7.12
C LEU A 66 -2.68 0.22 -6.44
N ILE A 67 -3.73 -0.13 -5.71
CA ILE A 67 -3.75 -1.39 -4.98
C ILE A 67 -3.72 -2.58 -5.95
N LYS A 68 -4.46 -2.50 -7.06
CA LYS A 68 -4.41 -3.58 -8.06
C LYS A 68 -2.98 -3.77 -8.55
N THR A 69 -2.31 -2.66 -8.81
CA THR A 69 -0.96 -2.74 -9.38
C THR A 69 0.03 -3.25 -8.35
N TRP A 70 -0.13 -2.84 -7.10
CA TRP A 70 0.73 -3.29 -6.00
C TRP A 70 0.86 -4.80 -5.97
N ARG A 71 -0.26 -5.50 -6.13
CA ARG A 71 -0.23 -6.96 -6.04
C ARG A 71 0.63 -7.58 -7.13
N ASN A 72 0.81 -6.89 -8.28
CA ASN A 72 1.54 -7.42 -9.42
C ASN A 72 2.98 -6.93 -9.53
N LEU A 73 3.46 -6.17 -8.57
CA LEU A 73 4.84 -5.70 -8.64
C LEU A 73 5.83 -6.84 -8.42
N GLU A 74 6.99 -6.71 -9.07
CA GLU A 74 8.08 -7.63 -8.78
C GLU A 74 8.50 -7.53 -7.31
N ASN A 75 8.57 -6.31 -6.78
CA ASN A 75 8.92 -6.09 -5.37
C ASN A 75 7.84 -5.22 -4.73
N PRO A 76 6.80 -5.85 -4.17
CA PRO A 76 5.74 -5.08 -3.49
C PRO A 76 6.09 -4.69 -2.07
N HIS A 77 7.30 -4.99 -1.62
CA HIS A 77 7.65 -4.88 -0.20
C HIS A 77 8.43 -3.61 0.14
N VAL A 78 9.37 -3.19 -0.71
CA VAL A 78 10.21 -2.04 -0.38
C VAL A 78 10.37 -1.17 -1.62
N CYS A 79 10.52 0.14 -1.39
CA CYS A 79 10.74 1.08 -2.48
C CYS A 79 12.18 0.94 -2.97
N PRO A 80 12.56 1.67 -4.03
CA PRO A 80 13.93 1.56 -4.56
C PRO A 80 14.99 1.97 -3.56
N HIS A 81 14.63 2.79 -2.57
CA HIS A 81 15.53 3.25 -1.53
C HIS A 81 15.57 2.33 -0.33
N GLY A 82 14.80 1.25 -0.37
CA GLY A 82 14.80 0.27 0.69
C GLY A 82 13.80 0.50 1.80
N THR A 83 12.95 1.53 1.72
CA THR A 83 11.96 1.72 2.77
C THR A 83 10.78 0.74 2.60
N PRO A 84 10.26 0.15 3.68
CA PRO A 84 9.04 -0.66 3.54
C PRO A 84 7.88 0.14 2.94
N ILE A 85 7.20 -0.46 1.96
CA ILE A 85 6.09 0.20 1.30
C ILE A 85 4.89 0.29 2.22
N TYR A 86 4.81 -0.59 3.23
CA TYR A 86 3.59 -0.67 4.05
C TYR A 86 3.95 -1.10 5.46
N TYR A 87 3.00 -0.85 6.36
CA TYR A 87 2.96 -1.44 7.69
C TYR A 87 1.78 -2.38 7.69
N LYS A 88 1.94 -3.51 8.37
CA LYS A 88 0.86 -4.49 8.47
C LYS A 88 0.59 -4.89 9.91
N ILE A 89 -0.68 -5.15 10.21
CA ILE A 89 -1.16 -5.66 11.49
C ILE A 89 -1.81 -7.01 11.19
N PRO A 90 -1.40 -8.10 11.84
CA PRO A 90 -2.21 -9.33 11.71
C PRO A 90 -3.57 -9.10 12.34
N LEU A 91 -4.63 -9.49 11.61
CA LEU A 91 -5.99 -9.29 12.14
C LEU A 91 -6.19 -10.01 13.47
N ARG A 92 -5.51 -11.13 13.68
CA ARG A 92 -5.60 -11.85 14.94
C ARG A 92 -5.26 -10.96 16.13
N GLU A 93 -4.32 -10.02 15.98
CA GLU A 93 -3.96 -9.22 17.15
C GLU A 93 -5.10 -8.29 17.56
N ILE A 94 -5.87 -7.80 16.60
CA ILE A 94 -7.02 -6.96 16.88
C ILE A 94 -8.14 -7.79 17.53
N TYR A 95 -8.48 -8.91 16.91
CA TYR A 95 -9.54 -9.77 17.45
C TYR A 95 -9.18 -10.31 18.84
N GLU A 96 -7.95 -10.79 19.01
CA GLU A 96 -7.58 -11.40 20.28
C GLU A 96 -7.59 -10.38 21.41
N LYS A 97 -7.28 -9.11 21.12
CA LYS A 97 -7.22 -8.12 22.18
C LYS A 97 -8.60 -7.92 22.81
N VAL A 98 -9.65 -7.97 21.99
CA VAL A 98 -11.03 -7.85 22.47
C VAL A 98 -11.65 -9.21 22.84
N GLY A 99 -10.84 -10.28 22.89
CA GLY A 99 -11.34 -11.58 23.31
C GLY A 99 -12.08 -12.39 22.27
N ARG A 100 -11.89 -12.13 20.98
CA ARG A 100 -12.57 -12.84 19.90
C ARG A 100 -11.61 -13.81 19.20
N ASN A 101 -12.14 -14.95 18.78
CA ASN A 101 -11.35 -15.92 18.04
C ASN A 101 -11.10 -15.40 16.64
N TYR A 102 -9.91 -15.68 16.12
CA TYR A 102 -9.62 -15.37 14.75
C TYR A 102 -8.40 -16.16 14.29
C1 PEG B . 0.49 -8.38 -2.83
O1 PEG B . 1.54 -9.18 -3.36
C2 PEG B . 1.06 -7.21 -2.03
O2 PEG B . 2.03 -7.67 -1.08
C3 PEG B . 1.45 -7.89 0.20
C4 PEG B . 2.52 -8.36 1.19
O4 PEG B . 2.69 -9.79 1.14
NA NA C . 17.36 10.12 -13.65
CD CD D . -6.01 -17.49 13.78
CD CD E . 11.89 5.56 -1.95
CD CD F . 10.68 9.21 -2.92
CD CD G . 13.52 11.46 -3.85
#